data_6BDI
#
_entry.id   6BDI
#
_cell.length_a   77.610
_cell.length_b   102.430
_cell.length_c   127.760
_cell.angle_alpha   90.00
_cell.angle_beta   90.00
_cell.angle_gamma   90.00
#
_symmetry.space_group_name_H-M   'I 2 2 2'
#
loop_
_entity.id
_entity.type
_entity.pdbx_description
1 polymer 'Cytochrome P450 3A4'
2 non-polymer 'PROTOPORPHYRIN IX CONTAINING FE'
3 non-polymer 'tert-butyl [(2S)-1-(1H-indol-3-yl)-3-{[(2R)-3-oxo-2-[(propan-2-yl)amino]-3-{[(pyridin-3-yl)methyl]amino}propyl]sulfanyl}propan-2-yl]carbamate'
4 water water
#
_entity_poly.entity_id   1
_entity_poly.type   'polypeptide(L)'
_entity_poly.pdbx_seq_one_letter_code
;MAYLYGTHSHGLFKKLGIPGPTPLPFLGNILSYHKGFCMFDMECHKKYGKVWGFYDGQQPVLAITDPDMIKTVLVKECYS
VFTNRRPFGPVGFMKSAISIAEDEEWKRLRSLLSPTFTSGKLKEMVPIIAQYGDVLVRNLRREAETGKPVTLKDVFGAYS
MDVITSTSFGVNIDSLNNPQDPFVENTKKLLRFDFLDPFFLSITVFPFLIPILEVLNICVFPREVTNFLRKSVKRMKESR
LEDTQKHRVDFLQLMIDSQNSKETESHKALSDLELVAQSIIFIFAGYETTSSVLSFIMYELATHPDVQQKLQEEIDAVLP
NKAPPTYDTVLQMEYLDMVVNETLRLFPIAMRLERVCKKDVEINGMFIPKGVVVMIPSYALHRDPKYWTEPEKFLPERFS
KKNKDNIDPYIYTPFGSGPRNCIGMRFALMNMKLALIRVLQNFSFKPCKETQIPLKLSLGGLLQPEKPVVLKVESRDGTV
SGAHHHH
;
_entity_poly.pdbx_strand_id   A
#
loop_
_chem_comp.id
_chem_comp.type
_chem_comp.name
_chem_comp.formula
DEJ non-polymer 'tert-butyl [(2S)-1-(1H-indol-3-yl)-3-{[(2R)-3-oxo-2-[(propan-2-yl)amino]-3-{[(pyridin-3-yl)methyl]amino}propyl]sulfanyl}propan-2-yl]carbamate' 'C28 H39 N5 O3 S'
HEM non-polymer 'PROTOPORPHYRIN IX CONTAINING FE' 'C34 H32 Fe N4 O4'
#
# COMPACT_ATOMS: atom_id res chain seq x y z
N THR A 7 -2.00 30.61 15.36
CA THR A 7 -2.44 31.31 14.15
C THR A 7 -3.72 30.68 13.57
N HIS A 8 -4.76 31.51 13.42
CA HIS A 8 -5.95 31.20 12.61
C HIS A 8 -6.61 29.84 12.85
N SER A 9 -6.03 28.97 13.71
CA SER A 9 -6.62 27.68 14.06
C SER A 9 -5.79 26.86 15.04
N HIS A 10 -4.68 27.41 15.54
CA HIS A 10 -3.79 26.65 16.40
C HIS A 10 -4.26 26.55 17.84
N GLY A 11 -5.38 27.22 18.19
CA GLY A 11 -5.97 27.03 19.49
C GLY A 11 -6.97 25.91 19.58
N LEU A 12 -7.24 25.20 18.49
CA LEU A 12 -8.37 24.28 18.46
C LEU A 12 -8.26 23.18 19.52
N PHE A 13 -7.16 22.44 19.52
CA PHE A 13 -7.07 21.31 20.44
C PHE A 13 -6.98 21.77 21.88
N LYS A 14 -6.19 22.81 22.15
CA LYS A 14 -6.10 23.36 23.49
C LYS A 14 -7.48 23.67 24.06
N LYS A 15 -8.42 24.08 23.19
CA LYS A 15 -9.78 24.41 23.62
C LYS A 15 -10.59 23.16 23.94
N LEU A 16 -10.42 22.08 23.18
CA LEU A 16 -11.24 20.89 23.39
C LEU A 16 -10.72 19.99 24.51
N GLY A 17 -9.62 20.36 25.16
CA GLY A 17 -9.07 19.55 26.23
C GLY A 17 -8.25 18.38 25.75
N ILE A 18 -7.80 18.41 24.50
CA ILE A 18 -7.08 17.32 23.86
C ILE A 18 -5.59 17.63 23.91
N PRO A 19 -4.75 16.70 24.37
CA PRO A 19 -3.31 16.98 24.47
C PRO A 19 -2.61 16.87 23.13
N GLY A 20 -1.38 17.41 23.09
CA GLY A 20 -0.49 17.25 21.97
C GLY A 20 0.70 18.20 22.00
N PRO A 21 1.67 17.98 21.11
CA PRO A 21 2.82 18.88 21.03
C PRO A 21 2.39 20.27 20.61
N THR A 22 2.98 21.26 21.28
CA THR A 22 2.63 22.66 21.04
C THR A 22 3.14 23.08 19.66
N PRO A 23 2.28 23.68 18.83
CA PRO A 23 2.67 24.00 17.46
C PRO A 23 3.42 25.32 17.32
N LEU A 24 4.30 25.36 16.35
CA LEU A 24 4.89 26.62 15.96
C LEU A 24 4.00 27.34 14.95
N PRO A 25 4.02 28.68 14.93
CA PRO A 25 3.34 29.43 13.87
C PRO A 25 3.75 28.96 12.48
N PHE A 26 2.73 28.80 11.61
CA PHE A 26 2.85 28.40 10.20
C PHE A 26 3.22 26.93 10.01
N LEU A 27 4.24 26.44 10.73
CA LEU A 27 4.68 25.04 10.58
C LEU A 27 3.83 24.07 11.38
N GLY A 28 3.15 24.53 12.41
CA GLY A 28 2.49 23.59 13.29
C GLY A 28 3.56 22.69 13.84
N ASN A 29 3.41 21.39 13.65
CA ASN A 29 4.36 20.46 14.25
C ASN A 29 5.23 19.77 13.22
N ILE A 30 5.29 20.27 11.99
CA ILE A 30 5.93 19.46 10.97
C ILE A 30 7.42 19.26 11.23
N LEU A 31 8.05 20.17 11.96
CA LEU A 31 9.43 19.92 12.37
C LEU A 31 9.56 18.59 13.12
N SER A 32 8.48 18.09 13.72
CA SER A 32 8.51 16.83 14.47
C SER A 32 8.55 15.60 13.58
N TYR A 33 8.46 15.77 12.27
CA TYR A 33 8.61 14.72 11.27
C TYR A 33 10.05 14.41 10.93
N HIS A 34 11.00 15.09 11.58
CA HIS A 34 12.41 14.87 11.28
C HIS A 34 12.82 13.44 11.50
N LYS A 35 12.03 12.66 12.23
CA LYS A 35 12.35 11.26 12.46
C LYS A 35 11.37 10.32 11.77
N GLY A 36 10.49 10.85 10.94
CA GLY A 36 9.54 10.05 10.19
C GLY A 36 8.19 10.01 10.86
N PHE A 37 7.16 9.75 10.05
CA PHE A 37 5.81 9.60 10.60
C PHE A 37 5.77 8.53 11.66
N CYS A 38 6.52 7.45 11.45
CA CYS A 38 6.41 6.31 12.35
C CYS A 38 6.94 6.64 13.74
N MET A 39 8.15 7.20 13.81
CA MET A 39 8.71 7.58 15.10
C MET A 39 7.86 8.63 15.79
N PHE A 40 7.41 9.64 15.04
CA PHE A 40 6.56 10.67 15.63
C PHE A 40 5.31 10.07 16.24
N ASP A 41 4.73 9.08 15.56
CA ASP A 41 3.45 8.54 16.01
C ASP A 41 3.62 7.67 17.26
N MET A 42 4.70 6.88 17.36
CA MET A 42 4.90 6.09 18.57
CA MET A 42 4.92 6.09 18.57
C MET A 42 5.17 6.99 19.78
N GLU A 43 6.12 7.93 19.64
CA GLU A 43 6.38 8.89 20.71
C GLU A 43 5.09 9.53 21.17
N CYS A 44 4.24 9.91 20.21
CA CYS A 44 2.99 10.59 20.53
C CYS A 44 2.03 9.68 21.27
N HIS A 45 1.83 8.47 20.76
CA HIS A 45 1.07 7.45 21.48
C HIS A 45 1.60 7.27 22.91
N LYS A 46 2.91 7.12 23.05
CA LYS A 46 3.52 6.99 24.36
C LYS A 46 3.24 8.23 25.21
N LYS A 47 3.79 9.39 24.82
CA LYS A 47 3.67 10.58 25.65
C LYS A 47 2.24 10.90 26.04
N TYR A 48 1.29 10.68 25.12
CA TYR A 48 0.00 11.35 25.25
C TYR A 48 -1.19 10.44 25.51
N GLY A 49 -1.09 9.16 25.17
CA GLY A 49 -2.12 8.19 25.55
C GLY A 49 -3.00 7.70 24.38
N LYS A 50 -4.31 7.71 24.60
CA LYS A 50 -5.27 7.09 23.68
C LYS A 50 -5.75 8.03 22.57
N VAL A 51 -5.70 9.35 22.79
CA VAL A 51 -6.05 10.36 21.80
CA VAL A 51 -5.99 10.33 21.75
C VAL A 51 -5.00 11.47 21.89
N TRP A 52 -4.59 12.02 20.76
CA TRP A 52 -3.75 13.22 20.77
C TRP A 52 -4.01 14.03 19.50
N GLY A 53 -3.37 15.20 19.42
CA GLY A 53 -3.60 16.13 18.32
C GLY A 53 -2.35 16.89 17.92
N PHE A 54 -2.16 17.09 16.61
CA PHE A 54 -1.06 17.91 16.14
C PHE A 54 -1.53 18.71 14.93
N TYR A 55 -0.59 19.41 14.29
CA TYR A 55 -0.92 20.37 13.25
C TYR A 55 0.02 20.19 12.07
N ASP A 56 -0.53 19.74 10.95
CA ASP A 56 0.19 19.69 9.68
C ASP A 56 0.08 21.07 9.05
N GLY A 57 0.98 21.97 9.46
CA GLY A 57 0.82 23.38 9.17
C GLY A 57 -0.35 23.99 9.92
N GLN A 58 -1.38 24.45 9.18
CA GLN A 58 -2.57 24.97 9.82
C GLN A 58 -3.62 23.90 10.04
N GLN A 59 -3.35 22.64 9.51
CA GLN A 59 -4.38 21.62 9.39
C GLN A 59 -4.41 20.77 10.65
N PRO A 60 -5.49 20.82 11.41
CA PRO A 60 -5.57 20.02 12.65
C PRO A 60 -5.78 18.55 12.33
N VAL A 61 -4.99 17.70 12.95
CA VAL A 61 -5.13 16.26 12.79
C VAL A 61 -5.37 15.68 14.16
N LEU A 62 -6.47 14.92 14.31
CA LEU A 62 -6.79 14.22 15.54
C LEU A 62 -6.44 12.74 15.38
N ALA A 63 -5.58 12.24 16.28
CA ALA A 63 -5.22 10.83 16.33
C ALA A 63 -6.11 10.05 17.29
N ILE A 64 -6.42 8.81 16.95
CA ILE A 64 -7.29 7.95 17.75
C ILE A 64 -6.73 6.54 17.77
N THR A 65 -6.93 5.86 18.89
CA THR A 65 -6.43 4.52 19.12
C THR A 65 -7.44 3.60 19.80
N ASP A 66 -8.64 4.08 20.14
CA ASP A 66 -9.60 3.17 20.74
C ASP A 66 -10.29 2.39 19.64
N PRO A 67 -10.28 1.06 19.68
CA PRO A 67 -10.86 0.29 18.58
C PRO A 67 -12.34 0.57 18.33
N ASP A 68 -13.11 0.94 19.35
CA ASP A 68 -14.51 1.27 19.12
C ASP A 68 -14.62 2.53 18.29
N MET A 69 -13.88 3.56 18.68
CA MET A 69 -13.88 4.83 17.95
C MET A 69 -13.41 4.63 16.51
N ILE A 70 -12.37 3.82 16.32
CA ILE A 70 -11.90 3.58 14.98
C ILE A 70 -13.01 2.97 14.15
N LYS A 71 -13.84 2.08 14.76
CA LYS A 71 -14.88 1.39 13.99
C LYS A 71 -15.93 2.37 13.51
N THR A 72 -16.37 3.22 14.40
CA THR A 72 -17.33 4.26 14.01
C THR A 72 -16.83 5.03 12.80
N VAL A 73 -15.57 5.46 12.86
CA VAL A 73 -14.99 6.28 11.80
C VAL A 73 -14.84 5.48 10.51
N LEU A 74 -14.29 4.27 10.62
CA LEU A 74 -14.02 3.55 9.40
C LEU A 74 -15.27 2.86 8.85
N VAL A 75 -16.22 2.49 9.72
CA VAL A 75 -17.35 1.72 9.25
C VAL A 75 -18.66 2.47 9.39
N LYS A 76 -19.08 2.71 10.62
CA LYS A 76 -20.46 3.10 10.86
C LYS A 76 -20.77 4.46 10.24
N GLU A 77 -19.93 5.45 10.51
CA GLU A 77 -20.16 6.78 9.98
C GLU A 77 -19.28 7.05 8.77
N CYS A 78 -18.94 6.01 8.02
CA CYS A 78 -18.11 6.21 6.84
C CYS A 78 -18.86 7.00 5.77
N TYR A 79 -20.09 6.59 5.48
CA TYR A 79 -20.86 7.27 4.45
C TYR A 79 -21.35 8.62 4.93
N SER A 80 -21.78 8.70 6.19
CA SER A 80 -22.37 9.94 6.68
C SER A 80 -21.34 11.02 6.94
N VAL A 81 -20.17 10.66 7.47
CA VAL A 81 -19.30 11.67 8.05
C VAL A 81 -17.92 11.59 7.47
N PHE A 82 -17.38 10.39 7.40
CA PHE A 82 -15.95 10.28 7.20
C PHE A 82 -15.66 9.66 5.84
N THR A 83 -16.09 10.32 4.78
CA THR A 83 -16.09 9.68 3.48
C THR A 83 -14.77 9.81 2.69
N ASN A 84 -14.00 10.87 2.88
CA ASN A 84 -12.90 11.18 1.97
C ASN A 84 -11.57 11.27 2.69
N ARG A 85 -10.50 11.27 1.90
CA ARG A 85 -9.15 11.39 2.42
C ARG A 85 -8.71 12.85 2.32
N ARG A 86 -7.59 13.15 2.96
N ARG A 86 -7.55 13.13 2.90
CA ARG A 86 -7.17 14.53 3.03
CA ARG A 86 -7.19 14.54 2.77
C ARG A 86 -7.00 15.10 1.63
C ARG A 86 -6.48 14.79 1.45
N PRO A 87 -7.56 16.27 1.33
N PRO A 87 -6.82 15.89 0.79
CA PRO A 87 -7.50 16.80 -0.05
CA PRO A 87 -6.06 16.32 -0.39
C PRO A 87 -6.09 16.83 -0.60
C PRO A 87 -4.60 16.52 -0.01
N PHE A 88 -5.89 16.14 -1.73
N PHE A 88 -3.75 16.50 -1.02
CA PHE A 88 -4.58 15.86 -2.28
CA PHE A 88 -2.31 16.38 -0.79
C PHE A 88 -4.41 16.61 -3.58
C PHE A 88 -1.46 17.18 -1.77
N GLY A 89 -3.26 17.25 -3.75
N GLY A 89 -2.02 17.60 -2.91
CA GLY A 89 -3.04 18.09 -4.90
CA GLY A 89 -1.29 18.36 -3.89
C GLY A 89 -1.63 18.60 -5.07
C GLY A 89 -2.09 18.41 -5.17
N PRO A 90 -1.29 19.02 -6.29
N PRO A 90 -1.52 18.99 -6.21
CA PRO A 90 -2.22 19.09 -7.43
CA PRO A 90 -2.26 19.11 -7.47
C PRO A 90 -2.32 17.76 -8.18
C PRO A 90 -2.33 17.76 -8.16
N VAL A 91 -3.50 17.45 -8.72
CA VAL A 91 -3.76 16.11 -9.25
C VAL A 91 -4.27 16.07 -10.67
N GLY A 92 -4.68 17.20 -11.22
CA GLY A 92 -5.02 17.10 -12.64
C GLY A 92 -6.26 16.24 -12.84
N PHE A 93 -6.28 15.52 -13.98
CA PHE A 93 -7.39 14.59 -14.24
C PHE A 93 -7.40 13.39 -13.29
N MET A 94 -6.28 13.08 -12.63
CA MET A 94 -6.28 12.00 -11.64
C MET A 94 -7.24 12.28 -10.49
N LYS A 95 -7.82 13.49 -10.47
CA LYS A 95 -8.97 13.78 -9.63
C LYS A 95 -10.04 12.68 -9.74
N SER A 96 -10.11 11.99 -10.88
CA SER A 96 -11.13 10.98 -11.13
C SER A 96 -10.76 9.59 -10.62
N ALA A 97 -9.54 9.39 -10.12
CA ALA A 97 -9.17 8.05 -9.68
C ALA A 97 -9.91 7.74 -8.40
N ILE A 98 -10.28 6.47 -8.22
CA ILE A 98 -11.17 6.13 -7.10
C ILE A 98 -10.57 6.55 -5.77
N SER A 99 -9.25 6.41 -5.62
CA SER A 99 -8.67 6.64 -4.30
C SER A 99 -8.56 8.12 -3.99
N ILE A 100 -8.63 8.95 -5.02
CA ILE A 100 -8.63 10.40 -4.89
C ILE A 100 -10.05 10.95 -4.79
N ALA A 101 -11.02 10.33 -5.45
CA ALA A 101 -12.33 10.94 -5.64
C ALA A 101 -13.13 10.94 -4.34
N GLU A 102 -14.27 11.65 -4.38
CA GLU A 102 -14.95 11.98 -3.15
C GLU A 102 -16.46 11.80 -3.26
N ASP A 103 -17.05 11.44 -2.13
CA ASP A 103 -18.49 11.39 -1.92
C ASP A 103 -19.15 10.62 -3.04
N GLU A 104 -20.12 11.19 -3.74
CA GLU A 104 -20.93 10.39 -4.65
C GLU A 104 -20.13 9.93 -5.85
N GLU A 105 -19.16 10.73 -6.31
CA GLU A 105 -18.31 10.23 -7.37
C GLU A 105 -17.50 9.03 -6.89
N TRP A 106 -16.91 9.13 -5.70
CA TRP A 106 -16.27 7.96 -5.11
C TRP A 106 -17.23 6.79 -5.07
N LYS A 107 -18.33 6.96 -4.35
CA LYS A 107 -19.31 5.89 -4.19
C LYS A 107 -19.67 5.27 -5.53
N ARG A 108 -19.91 6.10 -6.54
CA ARG A 108 -20.17 5.59 -7.88
C ARG A 108 -18.98 4.84 -8.44
N LEU A 109 -17.78 5.40 -8.30
CA LEU A 109 -16.59 4.71 -8.79
C LEU A 109 -16.36 3.39 -8.06
N ARG A 110 -16.40 3.43 -6.74
CA ARG A 110 -16.21 2.20 -5.97
C ARG A 110 -17.22 1.15 -6.36
N SER A 111 -18.48 1.58 -6.61
CA SER A 111 -19.50 0.68 -7.17
C SER A 111 -19.07 0.16 -8.54
N LEU A 112 -18.72 1.06 -9.46
CA LEU A 112 -18.41 0.66 -10.83
C LEU A 112 -17.14 -0.19 -10.92
N LEU A 113 -16.32 -0.22 -9.86
CA LEU A 113 -15.05 -0.94 -9.94
C LEU A 113 -15.00 -2.19 -9.07
N SER A 114 -15.88 -2.30 -8.08
CA SER A 114 -15.82 -3.43 -7.16
C SER A 114 -15.88 -4.79 -7.85
N PRO A 115 -16.76 -5.03 -8.83
CA PRO A 115 -16.84 -6.37 -9.43
C PRO A 115 -15.56 -6.81 -10.11
N THR A 116 -14.63 -5.89 -10.34
CA THR A 116 -13.36 -6.26 -10.93
C THR A 116 -12.45 -6.95 -9.91
N PHE A 117 -12.70 -6.77 -8.62
CA PHE A 117 -11.83 -7.32 -7.59
C PHE A 117 -12.44 -8.50 -6.84
N THR A 118 -13.44 -9.17 -7.42
CA THR A 118 -14.07 -10.29 -6.74
C THR A 118 -13.14 -11.49 -6.73
N SER A 119 -13.48 -12.45 -5.86
CA SER A 119 -12.74 -13.71 -5.84
C SER A 119 -12.82 -14.42 -7.19
N GLY A 120 -13.97 -14.31 -7.87
CA GLY A 120 -14.13 -14.89 -9.19
C GLY A 120 -13.12 -14.41 -10.21
N LYS A 121 -13.08 -13.09 -10.47
CA LYS A 121 -12.12 -12.56 -11.44
C LYS A 121 -10.69 -12.84 -11.02
N LEU A 122 -10.42 -12.84 -9.71
CA LEU A 122 -9.07 -13.07 -9.22
C LEU A 122 -8.63 -14.50 -9.46
N LYS A 123 -9.55 -15.45 -9.38
CA LYS A 123 -9.20 -16.83 -9.74
C LYS A 123 -8.93 -16.94 -11.23
N GLU A 124 -9.57 -16.09 -12.05
CA GLU A 124 -9.30 -16.09 -13.48
C GLU A 124 -7.95 -15.48 -13.81
N MET A 125 -7.47 -14.56 -12.97
CA MET A 125 -6.17 -13.91 -13.20
C MET A 125 -4.98 -14.71 -12.71
N VAL A 126 -5.22 -15.68 -11.84
CA VAL A 126 -4.16 -16.47 -11.21
C VAL A 126 -3.23 -17.07 -12.26
N PRO A 127 -3.72 -17.74 -13.32
CA PRO A 127 -2.77 -18.28 -14.31
C PRO A 127 -1.86 -17.25 -14.94
N ILE A 128 -2.36 -16.05 -15.25
CA ILE A 128 -1.46 -15.01 -15.75
C ILE A 128 -0.38 -14.69 -14.73
N ILE A 129 -0.79 -14.38 -13.49
CA ILE A 129 0.16 -14.05 -12.42
C ILE A 129 1.13 -15.19 -12.17
N ALA A 130 0.79 -16.39 -12.58
CA ALA A 130 1.67 -17.53 -12.36
C ALA A 130 2.84 -17.50 -13.33
N GLN A 131 2.58 -17.31 -14.64
CA GLN A 131 3.61 -17.37 -15.66
C GLN A 131 4.81 -16.50 -15.32
N TYR A 132 4.56 -15.34 -14.72
CA TYR A 132 5.63 -14.43 -14.36
C TYR A 132 6.32 -14.82 -13.07
N GLY A 133 5.76 -15.76 -12.31
CA GLY A 133 6.54 -16.40 -11.27
C GLY A 133 7.66 -17.25 -11.85
N ASP A 134 7.36 -18.04 -12.87
CA ASP A 134 8.40 -18.77 -13.60
C ASP A 134 9.47 -17.81 -14.14
N VAL A 135 9.05 -16.71 -14.78
CA VAL A 135 10.01 -15.71 -15.24
C VAL A 135 10.90 -15.29 -14.07
N LEU A 136 10.27 -14.93 -12.95
CA LEU A 136 11.00 -14.52 -11.77
C LEU A 136 12.05 -15.55 -11.39
N VAL A 137 11.70 -16.82 -11.49
CA VAL A 137 12.60 -17.89 -11.06
C VAL A 137 13.84 -17.92 -11.93
N ARG A 138 13.64 -18.03 -13.25
CA ARG A 138 14.77 -18.10 -14.17
C ARG A 138 15.67 -16.88 -14.03
N ASN A 139 15.10 -15.71 -13.71
CA ASN A 139 15.96 -14.55 -13.50
C ASN A 139 16.73 -14.69 -12.19
N LEU A 140 16.06 -15.21 -11.17
CA LEU A 140 16.70 -15.48 -9.89
C LEU A 140 17.76 -16.55 -10.02
N ARG A 141 17.44 -17.64 -10.71
CA ARG A 141 18.42 -18.68 -10.94
CA ARG A 141 18.42 -18.68 -10.92
C ARG A 141 19.65 -18.13 -11.63
N ARG A 142 19.45 -17.22 -12.59
CA ARG A 142 20.60 -16.60 -13.25
C ARG A 142 21.48 -15.87 -12.25
N GLU A 143 20.88 -15.27 -11.23
CA GLU A 143 21.65 -14.61 -10.19
C GLU A 143 22.23 -15.58 -9.19
N ALA A 144 21.60 -16.74 -9.01
CA ALA A 144 22.06 -17.70 -8.03
C ALA A 144 23.15 -18.61 -8.57
N GLU A 145 23.12 -18.94 -9.87
CA GLU A 145 24.21 -19.68 -10.47
C GLU A 145 25.50 -18.84 -10.54
N THR A 146 25.39 -17.52 -10.32
CA THR A 146 26.52 -16.58 -10.24
C THR A 146 26.50 -15.94 -8.85
N GLY A 147 27.09 -16.63 -7.88
CA GLY A 147 27.07 -16.29 -6.47
C GLY A 147 27.36 -14.85 -6.14
N LYS A 148 26.47 -14.00 -6.58
CA LYS A 148 26.53 -12.57 -6.35
C LYS A 148 25.30 -12.17 -5.56
N PRO A 149 25.48 -11.45 -4.44
CA PRO A 149 24.33 -11.04 -3.63
C PRO A 149 23.27 -10.36 -4.50
N VAL A 150 22.01 -10.55 -4.13
CA VAL A 150 20.87 -10.10 -4.92
C VAL A 150 20.21 -8.94 -4.19
N THR A 151 19.70 -7.97 -4.96
CA THR A 151 18.89 -6.89 -4.44
C THR A 151 17.41 -7.18 -4.71
N LEU A 152 16.65 -7.45 -3.66
CA LEU A 152 15.27 -7.94 -3.85
C LEU A 152 14.40 -6.93 -4.59
N LYS A 153 14.46 -5.65 -4.19
CA LYS A 153 13.56 -4.66 -4.79
C LYS A 153 13.72 -4.64 -6.30
N ASP A 154 14.92 -4.94 -6.81
CA ASP A 154 15.11 -5.02 -8.25
C ASP A 154 14.44 -6.25 -8.83
N VAL A 155 14.69 -7.42 -8.25
CA VAL A 155 14.15 -8.63 -8.84
C VAL A 155 12.65 -8.72 -8.55
N PHE A 156 12.23 -8.24 -7.38
CA PHE A 156 10.80 -8.21 -7.08
C PHE A 156 10.10 -7.08 -7.82
N GLY A 157 10.77 -5.91 -7.92
CA GLY A 157 10.23 -4.87 -8.78
C GLY A 157 9.95 -5.39 -10.17
N ALA A 158 10.96 -6.02 -10.80
CA ALA A 158 10.76 -6.58 -12.12
C ALA A 158 9.60 -7.55 -12.13
N TYR A 159 9.44 -8.31 -11.06
CA TYR A 159 8.31 -9.22 -10.97
C TYR A 159 7.00 -8.45 -10.88
N SER A 160 6.87 -7.56 -9.89
CA SER A 160 5.63 -6.80 -9.72
C SER A 160 5.25 -6.09 -11.02
N MET A 161 6.22 -5.37 -11.60
CA MET A 161 6.08 -4.74 -12.90
C MET A 161 5.48 -5.68 -13.94
N ASP A 162 6.03 -6.88 -14.06
CA ASP A 162 5.47 -7.87 -15.00
C ASP A 162 4.02 -8.22 -14.67
N VAL A 163 3.68 -8.43 -13.39
CA VAL A 163 2.31 -8.84 -13.09
C VAL A 163 1.33 -7.71 -13.37
N ILE A 164 1.75 -6.48 -13.16
CA ILE A 164 0.88 -5.36 -13.48
C ILE A 164 0.68 -5.25 -14.99
N THR A 165 1.78 -5.11 -15.75
CA THR A 165 1.68 -4.97 -17.19
C THR A 165 0.76 -6.03 -17.80
N SER A 166 0.71 -7.21 -17.20
CA SER A 166 -0.11 -8.29 -17.71
C SER A 166 -1.54 -8.26 -17.17
N THR A 167 -1.71 -8.26 -15.85
CA THR A 167 -3.05 -8.26 -15.30
C THR A 167 -3.85 -7.00 -15.60
N SER A 168 -3.24 -5.94 -16.13
CA SER A 168 -3.99 -4.72 -16.38
C SER A 168 -4.08 -4.29 -17.84
N PHE A 169 -3.17 -4.75 -18.72
CA PHE A 169 -3.29 -4.42 -20.14
C PHE A 169 -3.04 -5.58 -21.11
N GLY A 170 -2.63 -6.76 -20.64
CA GLY A 170 -2.26 -7.81 -21.56
C GLY A 170 -0.83 -7.74 -22.06
N VAL A 171 -0.15 -6.61 -21.86
CA VAL A 171 1.24 -6.49 -22.28
C VAL A 171 2.10 -7.46 -21.50
N ASN A 172 2.95 -8.19 -22.21
CA ASN A 172 3.77 -9.25 -21.63
C ASN A 172 5.23 -8.88 -21.84
N ILE A 173 5.87 -8.42 -20.77
CA ILE A 173 7.25 -8.00 -20.85
C ILE A 173 8.03 -8.71 -19.76
N ASP A 174 9.27 -9.06 -20.06
CA ASP A 174 10.27 -9.41 -19.06
C ASP A 174 11.01 -8.11 -18.74
N SER A 175 10.46 -7.34 -17.80
CA SER A 175 10.99 -6.01 -17.54
CA SER A 175 10.99 -6.01 -17.53
C SER A 175 12.44 -6.07 -17.07
N LEU A 176 12.80 -7.06 -16.26
CA LEU A 176 14.17 -7.16 -15.79
C LEU A 176 15.14 -7.24 -16.95
N ASN A 177 14.75 -7.90 -18.04
CA ASN A 177 15.60 -8.03 -19.22
C ASN A 177 15.20 -7.09 -20.34
N ASN A 178 14.12 -6.32 -20.17
CA ASN A 178 13.74 -5.31 -21.14
C ASN A 178 13.54 -4.00 -20.39
N PRO A 179 14.52 -3.57 -19.58
CA PRO A 179 14.26 -2.46 -18.65
C PRO A 179 14.03 -1.17 -19.38
N GLN A 180 14.14 -1.23 -20.70
CA GLN A 180 14.15 -0.07 -21.58
C GLN A 180 13.12 -0.19 -22.69
N ASP A 181 12.17 -1.13 -22.58
CA ASP A 181 10.94 -1.09 -23.36
C ASP A 181 10.17 0.18 -23.00
N PRO A 182 9.62 0.90 -23.98
CA PRO A 182 8.85 2.12 -23.66
C PRO A 182 7.78 1.88 -22.61
N PHE A 183 7.11 0.73 -22.68
CA PHE A 183 6.04 0.47 -21.73
C PHE A 183 6.56 0.20 -20.33
N VAL A 184 7.79 -0.27 -20.21
CA VAL A 184 8.33 -0.49 -18.86
C VAL A 184 8.91 0.81 -18.33
N GLU A 185 9.44 1.67 -19.20
CA GLU A 185 10.10 2.89 -18.75
C GLU A 185 9.13 3.81 -18.02
N ASN A 186 8.01 4.13 -18.67
CA ASN A 186 7.04 5.01 -18.04
C ASN A 186 6.57 4.44 -16.71
N THR A 187 6.09 3.21 -16.75
CA THR A 187 5.50 2.60 -15.57
C THR A 187 6.46 2.53 -14.39
N LYS A 188 7.77 2.52 -14.63
CA LYS A 188 8.76 2.52 -13.56
C LYS A 188 8.93 3.89 -12.92
N LYS A 189 8.26 4.91 -13.44
CA LYS A 189 8.27 6.24 -12.85
C LYS A 189 7.09 6.48 -11.92
N LEU A 190 6.14 5.54 -11.85
CA LEU A 190 4.98 5.65 -10.96
C LEU A 190 5.35 5.12 -9.58
N LEU A 191 6.07 5.95 -8.84
CA LEU A 191 6.62 5.60 -7.54
C LEU A 191 5.87 6.31 -6.41
N ARG A 192 5.97 5.71 -5.22
CA ARG A 192 5.28 6.19 -4.05
C ARG A 192 5.74 7.60 -3.69
N PHE A 193 4.76 8.47 -3.41
CA PHE A 193 5.02 9.86 -3.06
C PHE A 193 5.70 9.95 -1.70
N ASP A 194 6.78 10.75 -1.60
CA ASP A 194 7.48 11.01 -0.33
C ASP A 194 6.85 12.25 0.29
N PHE A 195 5.91 12.04 1.22
CA PHE A 195 5.17 13.17 1.80
C PHE A 195 6.01 14.00 2.79
N LEU A 196 7.30 13.70 2.96
CA LEU A 196 8.22 14.57 3.69
C LEU A 196 9.37 15.07 2.81
N ASP A 197 9.25 14.92 1.48
CA ASP A 197 10.18 15.51 0.53
C ASP A 197 9.89 17.00 0.43
N PRO A 198 10.81 17.80 -0.13
CA PRO A 198 10.60 19.26 -0.10
C PRO A 198 9.22 19.66 -0.59
N PHE A 199 8.87 19.18 -1.79
CA PHE A 199 7.62 19.55 -2.46
C PHE A 199 6.42 19.35 -1.55
N PHE A 200 6.32 18.20 -0.90
CA PHE A 200 5.07 17.96 -0.18
C PHE A 200 5.00 18.70 1.15
N LEU A 201 6.14 18.91 1.81
CA LEU A 201 6.14 19.73 3.03
C LEU A 201 5.66 21.13 2.74
N SER A 202 6.20 21.75 1.68
CA SER A 202 5.75 23.08 1.29
C SER A 202 4.27 23.08 0.99
N ILE A 203 3.79 22.08 0.26
CA ILE A 203 2.36 21.95 0.01
C ILE A 203 1.60 21.90 1.32
N THR A 204 2.26 21.52 2.42
CA THR A 204 1.62 21.53 3.74
C THR A 204 1.73 22.88 4.43
N VAL A 205 2.83 23.60 4.26
CA VAL A 205 2.89 24.96 4.75
C VAL A 205 2.21 25.95 3.82
N PHE A 206 2.16 25.65 2.52
CA PHE A 206 1.48 26.54 1.59
C PHE A 206 0.33 25.86 0.84
N PRO A 207 -0.60 25.21 1.53
CA PRO A 207 -1.71 24.52 0.81
C PRO A 207 -2.50 25.42 -0.10
N PHE A 208 -2.47 26.73 0.12
CA PHE A 208 -2.98 27.66 -0.87
C PHE A 208 -2.23 27.58 -2.19
N LEU A 209 -1.09 26.92 -2.24
CA LEU A 209 -0.33 26.87 -3.48
C LEU A 209 -0.90 25.88 -4.46
N ILE A 210 -1.49 24.82 -3.94
CA ILE A 210 -2.19 23.82 -4.72
C ILE A 210 -3.10 24.42 -5.81
N PRO A 211 -3.99 25.35 -5.50
CA PRO A 211 -4.79 25.96 -6.59
C PRO A 211 -3.95 26.60 -7.65
N ILE A 212 -2.78 27.13 -7.28
CA ILE A 212 -1.96 27.84 -8.24
C ILE A 212 -1.38 26.88 -9.25
N LEU A 213 -0.71 25.83 -8.75
CA LEU A 213 -0.25 24.73 -9.59
C LEU A 213 -1.35 24.16 -10.48
N GLU A 214 -2.55 23.95 -9.93
CA GLU A 214 -3.60 23.34 -10.74
C GLU A 214 -3.90 24.18 -11.97
N VAL A 215 -3.89 25.50 -11.83
CA VAL A 215 -4.18 26.33 -12.99
C VAL A 215 -3.02 26.33 -13.95
N LEU A 216 -1.83 25.88 -13.51
CA LEU A 216 -0.67 25.69 -14.36
C LEU A 216 -0.53 24.25 -14.90
N ASN A 217 -1.55 23.41 -14.74
CA ASN A 217 -1.52 22.04 -15.24
C ASN A 217 -0.30 21.27 -14.74
N ILE A 218 0.41 21.83 -13.75
CA ILE A 218 1.41 21.10 -13.01
C ILE A 218 0.73 20.05 -12.13
N CYS A 219 1.30 18.84 -12.11
CA CYS A 219 0.67 17.71 -11.46
C CYS A 219 1.71 16.88 -10.71
N VAL A 220 1.27 16.22 -9.62
CA VAL A 220 2.16 15.31 -8.88
C VAL A 220 2.24 13.94 -9.53
N PHE A 221 1.43 13.70 -10.56
CA PHE A 221 1.62 12.59 -11.46
C PHE A 221 2.29 13.14 -12.71
N PRO A 222 3.59 12.85 -12.94
CA PRO A 222 4.35 13.47 -14.04
C PRO A 222 3.58 13.53 -15.35
N ARG A 223 3.46 14.73 -15.91
CA ARG A 223 2.53 14.95 -17.02
C ARG A 223 2.83 14.04 -18.21
N GLU A 224 4.02 13.45 -18.29
CA GLU A 224 4.39 12.64 -19.45
C GLU A 224 4.02 11.17 -19.30
N VAL A 225 4.22 10.60 -18.12
CA VAL A 225 3.81 9.22 -17.86
C VAL A 225 2.30 9.09 -18.10
N THR A 226 1.51 10.02 -17.54
CA THR A 226 0.07 10.01 -17.76
C THR A 226 -0.28 10.11 -19.24
N ASN A 227 0.42 10.98 -19.98
CA ASN A 227 0.12 11.13 -21.40
C ASN A 227 0.47 9.85 -22.16
N PHE A 228 1.58 9.18 -21.81
CA PHE A 228 1.96 7.96 -22.51
C PHE A 228 0.87 6.91 -22.39
N LEU A 229 0.36 6.72 -21.17
CA LEU A 229 -0.60 5.65 -20.94
C LEU A 229 -1.97 5.99 -21.52
N ARG A 230 -2.36 7.27 -21.43
CA ARG A 230 -3.67 7.68 -21.95
C ARG A 230 -3.84 7.25 -23.39
N LYS A 231 -2.79 7.42 -24.19
CA LYS A 231 -2.84 6.98 -25.58
C LYS A 231 -2.51 5.50 -25.74
N SER A 232 -1.62 4.95 -24.90
CA SER A 232 -1.40 3.51 -24.92
C SER A 232 -2.68 2.75 -24.68
N VAL A 233 -3.52 3.26 -23.78
CA VAL A 233 -4.83 2.66 -23.52
C VAL A 233 -5.73 2.82 -24.75
N LYS A 234 -5.86 4.06 -25.25
CA LYS A 234 -6.73 4.31 -26.39
C LYS A 234 -6.32 3.53 -27.63
N ARG A 235 -5.06 3.08 -27.70
CA ARG A 235 -4.67 2.12 -28.74
C ARG A 235 -5.18 0.72 -28.39
N MET A 236 -4.85 0.25 -27.19
CA MET A 236 -5.38 -1.04 -26.75
C MET A 236 -6.89 -1.09 -26.86
N LYS A 237 -7.57 -0.08 -26.31
CA LYS A 237 -9.03 -0.03 -26.38
C LYS A 237 -9.52 -0.29 -27.78
N GLU A 238 -8.94 0.41 -28.77
CA GLU A 238 -9.41 0.32 -30.14
C GLU A 238 -8.73 -0.79 -30.94
N SER A 239 -7.86 -1.58 -30.32
CA SER A 239 -7.35 -2.79 -30.98
C SER A 239 -8.08 -4.04 -30.52
N ARG A 240 -8.56 -4.06 -29.28
CA ARG A 240 -9.46 -5.13 -28.85
C ARG A 240 -10.88 -4.89 -29.32
N LEU A 241 -11.28 -3.62 -29.41
CA LEU A 241 -12.57 -3.19 -29.94
C LEU A 241 -12.30 -2.68 -31.36
N GLU A 242 -12.46 -3.56 -32.33
CA GLU A 242 -12.86 -4.94 -32.07
C GLU A 242 -11.94 -5.96 -32.72
N ASP A 243 -11.57 -7.00 -31.97
CA ASP A 243 -10.79 -8.13 -32.48
C ASP A 243 -10.86 -9.32 -31.52
N ARG A 248 -11.57 -10.50 -21.05
CA ARG A 248 -10.63 -11.49 -21.55
C ARG A 248 -9.19 -10.98 -21.54
N VAL A 249 -8.52 -10.90 -20.37
CA VAL A 249 -9.03 -11.17 -19.01
C VAL A 249 -8.53 -10.14 -17.96
N ASP A 250 -8.01 -8.97 -18.43
CA ASP A 250 -7.27 -8.02 -17.60
C ASP A 250 -8.18 -6.93 -17.01
N PHE A 251 -7.59 -6.08 -16.16
CA PHE A 251 -8.37 -4.99 -15.55
C PHE A 251 -8.94 -4.05 -16.61
N LEU A 252 -8.17 -3.78 -17.67
CA LEU A 252 -8.64 -2.90 -18.73
C LEU A 252 -9.91 -3.46 -19.39
N GLN A 253 -9.88 -4.75 -19.74
CA GLN A 253 -11.03 -5.39 -20.36
C GLN A 253 -12.22 -5.47 -19.41
N LEU A 254 -11.96 -5.66 -18.11
CA LEU A 254 -13.04 -5.65 -17.12
C LEU A 254 -13.67 -4.27 -17.03
N MET A 255 -12.88 -3.22 -17.21
CA MET A 255 -13.44 -1.88 -17.22
C MET A 255 -14.13 -1.60 -18.54
N ILE A 256 -13.53 -2.03 -19.65
CA ILE A 256 -14.18 -1.91 -20.95
C ILE A 256 -15.55 -2.54 -20.90
N ASP A 257 -15.65 -3.74 -20.31
CA ASP A 257 -16.92 -4.44 -20.23
C ASP A 257 -17.91 -3.72 -19.33
N SER A 258 -17.41 -3.00 -18.31
CA SER A 258 -18.31 -2.33 -17.37
C SER A 258 -18.96 -1.10 -18.00
N GLN A 259 -18.20 -0.29 -18.74
CA GLN A 259 -18.82 0.87 -19.38
C GLN A 259 -19.74 0.47 -20.52
N ASN A 260 -19.93 -0.83 -20.76
CA ASN A 260 -20.98 -1.32 -21.66
C ASN A 260 -22.24 -1.66 -20.88
N SER A 266 -24.10 6.01 -8.57
CA SER A 266 -23.53 5.08 -9.53
C SER A 266 -24.10 5.33 -10.92
N HIS A 267 -24.20 4.24 -11.67
CA HIS A 267 -24.68 4.32 -13.05
C HIS A 267 -23.78 5.28 -13.81
N LYS A 268 -24.34 5.99 -14.80
CA LYS A 268 -23.61 6.93 -15.64
C LYS A 268 -22.40 6.30 -16.34
N ALA A 269 -22.26 4.97 -16.26
CA ALA A 269 -21.16 4.22 -16.85
C ALA A 269 -19.81 4.80 -16.47
N LEU A 270 -18.75 4.31 -17.10
CA LEU A 270 -17.40 4.82 -16.88
C LEU A 270 -16.99 5.66 -18.08
N SER A 271 -16.64 6.91 -17.83
CA SER A 271 -16.08 7.74 -18.88
C SER A 271 -14.72 7.19 -19.30
N ASP A 272 -14.30 7.58 -20.51
CA ASP A 272 -12.99 7.15 -20.98
C ASP A 272 -11.87 7.72 -20.13
N LEU A 273 -11.92 9.02 -19.85
CA LEU A 273 -10.93 9.62 -18.97
C LEU A 273 -11.00 9.00 -17.59
N GLU A 274 -12.23 8.74 -17.10
CA GLU A 274 -12.38 8.02 -15.84
C GLU A 274 -11.72 6.65 -15.88
N LEU A 275 -11.80 5.98 -17.03
CA LEU A 275 -11.24 4.64 -17.13
C LEU A 275 -9.72 4.68 -17.06
N VAL A 276 -9.08 5.57 -17.84
CA VAL A 276 -7.63 5.69 -17.84
C VAL A 276 -7.10 5.93 -16.44
N ALA A 277 -7.78 6.80 -15.67
CA ALA A 277 -7.27 7.23 -14.38
C ALA A 277 -7.22 6.06 -13.40
N GLN A 278 -8.26 5.24 -13.38
CA GLN A 278 -8.23 4.05 -12.53
C GLN A 278 -7.08 3.15 -12.92
N SER A 279 -6.93 2.91 -14.22
CA SER A 279 -5.82 2.12 -14.72
C SER A 279 -4.50 2.60 -14.14
N ILE A 280 -4.30 3.91 -14.16
CA ILE A 280 -3.05 4.47 -13.65
C ILE A 280 -2.95 4.22 -12.15
N ILE A 281 -4.02 4.48 -11.40
CA ILE A 281 -3.98 4.29 -9.95
C ILE A 281 -3.72 2.82 -9.59
N PHE A 282 -4.14 1.86 -10.43
CA PHE A 282 -3.86 0.46 -10.12
C PHE A 282 -2.38 0.14 -10.25
N ILE A 283 -1.74 0.65 -11.31
CA ILE A 283 -0.30 0.47 -11.44
C ILE A 283 0.42 1.13 -10.27
N PHE A 284 0.11 2.40 -10.01
CA PHE A 284 0.68 3.19 -8.92
C PHE A 284 0.59 2.39 -7.63
N ALA A 285 -0.63 1.91 -7.33
CA ALA A 285 -0.89 1.15 -6.11
C ALA A 285 -0.10 -0.14 -6.06
N GLY A 286 -0.02 -0.87 -7.19
CA GLY A 286 0.35 -2.27 -7.12
C GLY A 286 1.79 -2.55 -7.37
N TYR A 287 2.56 -1.53 -7.73
CA TYR A 287 3.93 -1.74 -8.22
C TYR A 287 4.91 -1.68 -7.06
N GLU A 288 5.04 -0.52 -6.43
CA GLU A 288 6.04 -0.46 -5.37
C GLU A 288 5.60 -1.17 -4.10
N THR A 289 4.29 -1.31 -3.86
CA THR A 289 3.82 -1.99 -2.65
C THR A 289 4.18 -3.47 -2.67
N THR A 290 3.73 -4.16 -3.72
CA THR A 290 4.11 -5.55 -3.95
C THR A 290 5.62 -5.72 -3.85
N SER A 291 6.35 -4.90 -4.59
CA SER A 291 7.81 -4.94 -4.53
C SER A 291 8.29 -4.78 -3.10
N SER A 292 7.71 -3.83 -2.36
CA SER A 292 8.26 -3.51 -1.04
C SER A 292 7.93 -4.58 -0.03
N VAL A 293 6.68 -5.02 -0.03
CA VAL A 293 6.25 -6.02 0.92
C VAL A 293 7.01 -7.31 0.69
N LEU A 294 7.08 -7.75 -0.56
CA LEU A 294 7.84 -8.95 -0.89
C LEU A 294 9.28 -8.86 -0.38
N SER A 295 9.86 -7.66 -0.39
CA SER A 295 11.20 -7.53 0.14
C SER A 295 11.22 -7.61 1.65
N PHE A 296 10.22 -7.01 2.30
CA PHE A 296 10.23 -7.10 3.75
C PHE A 296 10.06 -8.55 4.20
N ILE A 297 9.37 -9.34 3.40
CA ILE A 297 9.11 -10.72 3.78
C ILE A 297 10.34 -11.57 3.60
N MET A 298 11.00 -11.45 2.46
CA MET A 298 12.24 -12.18 2.28
C MET A 298 13.28 -11.79 3.32
N TYR A 299 13.28 -10.53 3.78
CA TYR A 299 14.17 -10.15 4.86
C TYR A 299 13.89 -10.97 6.12
N GLU A 300 12.63 -11.11 6.49
CA GLU A 300 12.33 -11.86 7.71
C GLU A 300 12.63 -13.33 7.52
N LEU A 301 12.23 -13.88 6.37
CA LEU A 301 12.49 -15.29 6.12
C LEU A 301 13.97 -15.61 6.25
N ALA A 302 14.83 -14.70 5.77
CA ALA A 302 16.27 -14.92 5.70
C ALA A 302 16.97 -14.75 7.05
N THR A 303 16.42 -13.91 7.93
CA THR A 303 16.93 -13.70 9.29
C THR A 303 16.20 -14.55 10.32
N HIS A 304 15.29 -15.42 9.90
CA HIS A 304 14.63 -16.39 10.77
C HIS A 304 14.59 -17.73 10.07
N PRO A 305 15.75 -18.37 9.87
CA PRO A 305 15.81 -19.54 8.96
C PRO A 305 14.85 -20.66 9.31
N ASP A 306 14.42 -20.77 10.58
CA ASP A 306 13.39 -21.74 10.93
C ASP A 306 12.05 -21.40 10.27
N VAL A 307 11.63 -20.15 10.36
CA VAL A 307 10.41 -19.73 9.70
C VAL A 307 10.47 -20.02 8.21
N GLN A 308 11.64 -19.78 7.59
CA GLN A 308 11.82 -20.12 6.18
C GLN A 308 11.70 -21.63 5.95
N GLN A 309 12.32 -22.43 6.83
CA GLN A 309 12.25 -23.88 6.65
C GLN A 309 10.83 -24.36 6.83
N LYS A 310 10.14 -23.86 7.86
CA LYS A 310 8.80 -24.35 8.13
C LYS A 310 7.88 -24.03 6.96
N LEU A 311 8.13 -22.91 6.30
CA LEU A 311 7.32 -22.50 5.16
C LEU A 311 7.67 -23.31 3.92
N GLN A 312 8.97 -23.54 3.69
CA GLN A 312 9.37 -24.44 2.61
C GLN A 312 8.76 -25.82 2.80
N GLU A 313 8.75 -26.31 4.05
CA GLU A 313 8.16 -27.61 4.33
C GLU A 313 6.67 -27.63 4.01
N GLU A 314 5.94 -26.61 4.47
CA GLU A 314 4.52 -26.49 4.16
C GLU A 314 4.25 -26.48 2.66
N ILE A 315 5.05 -25.72 1.90
CA ILE A 315 4.79 -25.54 0.47
C ILE A 315 4.96 -26.86 -0.29
N ASP A 316 5.97 -27.66 0.09
CA ASP A 316 6.17 -28.96 -0.57
C ASP A 316 5.05 -29.95 -0.24
N ALA A 317 4.51 -29.90 0.99
CA ALA A 317 3.36 -30.73 1.34
C ALA A 317 2.19 -30.52 0.38
N VAL A 318 1.70 -29.28 0.26
CA VAL A 318 0.59 -28.98 -0.64
C VAL A 318 0.98 -29.23 -2.09
N LEU A 319 2.14 -28.76 -2.49
CA LEU A 319 2.57 -28.82 -3.87
C LEU A 319 3.80 -29.71 -3.93
N PRO A 320 3.62 -31.03 -3.91
CA PRO A 320 4.76 -31.92 -4.09
C PRO A 320 5.28 -31.83 -5.52
N ASN A 321 6.57 -32.14 -5.68
CA ASN A 321 7.23 -32.14 -6.98
C ASN A 321 7.34 -30.75 -7.58
N LYS A 322 7.49 -29.74 -6.72
CA LYS A 322 7.40 -28.33 -7.11
C LYS A 322 6.15 -28.05 -7.93
N ALA A 323 5.05 -28.71 -7.60
CA ALA A 323 3.81 -28.51 -8.31
C ALA A 323 3.49 -27.02 -8.39
N PRO A 324 2.95 -26.55 -9.51
CA PRO A 324 2.62 -25.13 -9.62
C PRO A 324 1.46 -24.78 -8.71
N PRO A 325 1.49 -23.59 -8.11
CA PRO A 325 0.41 -23.20 -7.20
C PRO A 325 -0.87 -22.84 -7.93
N THR A 326 -1.98 -23.20 -7.31
CA THR A 326 -3.29 -22.80 -7.81
C THR A 326 -3.98 -21.89 -6.80
N TYR A 327 -4.97 -21.14 -7.29
CA TYR A 327 -5.79 -20.29 -6.45
C TYR A 327 -6.15 -20.99 -5.14
N ASP A 328 -6.62 -22.22 -5.23
CA ASP A 328 -7.12 -22.93 -4.06
C ASP A 328 -6.00 -23.53 -3.22
N THR A 329 -4.93 -24.04 -3.86
CA THR A 329 -3.79 -24.50 -3.09
C THR A 329 -3.07 -23.33 -2.41
N VAL A 330 -3.25 -22.11 -2.93
CA VAL A 330 -2.70 -20.93 -2.26
C VAL A 330 -3.48 -20.62 -0.98
N LEU A 331 -4.82 -20.59 -1.05
CA LEU A 331 -5.61 -20.29 0.14
C LEU A 331 -5.52 -21.41 1.14
N GLN A 332 -4.99 -22.55 0.75
CA GLN A 332 -4.85 -23.67 1.64
C GLN A 332 -3.69 -23.50 2.62
N MET A 333 -2.68 -22.69 2.29
CA MET A 333 -1.42 -22.63 3.04
C MET A 333 -1.51 -21.68 4.23
N GLU A 334 -1.58 -22.23 5.43
CA GLU A 334 -1.84 -21.41 6.61
C GLU A 334 -0.59 -20.70 7.11
N TYR A 335 0.55 -21.40 7.18
CA TYR A 335 1.77 -20.76 7.67
C TYR A 335 2.18 -19.60 6.79
N LEU A 336 2.11 -19.81 5.47
CA LEU A 336 2.31 -18.73 4.51
C LEU A 336 1.40 -17.54 4.83
N ASP A 337 0.10 -17.77 5.01
CA ASP A 337 -0.78 -16.66 5.37
C ASP A 337 -0.31 -16.00 6.66
N MET A 338 0.15 -16.80 7.63
CA MET A 338 0.66 -16.26 8.88
C MET A 338 1.88 -15.38 8.64
N VAL A 339 2.82 -15.88 7.82
CA VAL A 339 4.07 -15.17 7.60
C VAL A 339 3.79 -13.83 6.94
N VAL A 340 2.92 -13.81 5.93
CA VAL A 340 2.54 -12.57 5.28
C VAL A 340 1.90 -11.61 6.28
N ASN A 341 0.98 -12.11 7.10
CA ASN A 341 0.22 -11.19 7.95
C ASN A 341 1.11 -10.57 9.01
N GLU A 342 2.08 -11.33 9.53
CA GLU A 342 2.95 -10.77 10.56
C GLU A 342 3.93 -9.76 9.97
N THR A 343 4.40 -10.02 8.74
CA THR A 343 5.28 -9.03 8.10
C THR A 343 4.56 -7.70 7.98
N LEU A 344 3.31 -7.75 7.50
CA LEU A 344 2.45 -6.60 7.42
C LEU A 344 2.25 -5.94 8.78
N ARG A 345 2.21 -6.72 9.86
CA ARG A 345 2.14 -6.09 11.17
C ARG A 345 3.32 -5.16 11.36
N LEU A 346 4.54 -5.69 11.22
CA LEU A 346 5.71 -4.88 11.48
C LEU A 346 5.90 -3.78 10.44
N PHE A 347 5.46 -4.00 9.20
CA PHE A 347 5.65 -2.99 8.13
C PHE A 347 4.35 -2.67 7.42
N PRO A 348 3.41 -2.09 8.09
CA PRO A 348 2.17 -1.70 7.40
C PRO A 348 2.42 -0.47 6.54
N ILE A 349 2.71 -0.64 5.25
CA ILE A 349 3.34 0.41 4.46
C ILE A 349 2.46 1.62 4.27
N ALA A 350 1.16 1.53 4.53
CA ALA A 350 0.38 2.78 4.54
C ALA A 350 0.76 3.65 5.73
N MET A 351 1.08 3.02 6.87
CA MET A 351 1.55 3.67 8.09
C MET A 351 0.44 4.32 8.93
N ARG A 352 -0.42 5.13 8.29
CA ARG A 352 -1.62 5.68 8.89
C ARG A 352 -2.82 5.48 7.97
N LEU A 353 -4.00 5.51 8.56
CA LEU A 353 -5.22 5.76 7.81
C LEU A 353 -5.77 7.12 8.21
N GLU A 354 -6.53 7.72 7.31
CA GLU A 354 -6.94 9.10 7.46
C GLU A 354 -8.34 9.28 6.88
N ARG A 355 -9.16 10.06 7.58
CA ARG A 355 -10.49 10.43 7.07
C ARG A 355 -10.71 11.89 7.38
N VAL A 356 -11.32 12.60 6.44
CA VAL A 356 -11.69 14.00 6.65
C VAL A 356 -13.10 14.05 7.22
N CYS A 357 -13.21 14.62 8.42
CA CYS A 357 -14.49 14.86 9.06
C CYS A 357 -15.27 15.91 8.27
N LYS A 358 -16.46 15.56 7.80
CA LYS A 358 -17.18 16.48 6.94
C LYS A 358 -18.23 17.31 7.68
N LYS A 359 -18.59 16.94 8.92
CA LYS A 359 -19.61 17.63 9.70
C LYS A 359 -19.18 17.69 11.16
N ASP A 360 -19.72 18.67 11.88
CA ASP A 360 -19.64 18.61 13.33
C ASP A 360 -20.27 17.33 13.83
N VAL A 361 -19.49 16.45 14.45
CA VAL A 361 -20.02 15.22 15.00
C VAL A 361 -19.50 14.99 16.40
N GLU A 362 -20.13 14.02 17.07
CA GLU A 362 -19.70 13.48 18.34
C GLU A 362 -19.73 11.98 18.20
N ILE A 363 -18.61 11.34 18.47
CA ILE A 363 -18.48 9.88 18.40
C ILE A 363 -17.78 9.38 19.65
N ASN A 364 -18.19 8.19 20.12
CA ASN A 364 -17.68 7.53 21.32
C ASN A 364 -17.33 8.55 22.42
N GLY A 365 -18.19 9.54 22.61
CA GLY A 365 -18.07 10.47 23.72
C GLY A 365 -17.18 11.67 23.49
N MET A 366 -16.85 11.99 22.24
CA MET A 366 -15.88 13.02 21.91
C MET A 366 -16.42 13.90 20.81
N PHE A 367 -16.46 15.21 21.04
CA PHE A 367 -16.90 16.10 19.98
C PHE A 367 -15.81 16.22 18.93
N ILE A 368 -16.23 16.25 17.67
CA ILE A 368 -15.29 16.43 16.55
C ILE A 368 -15.77 17.56 15.66
N PRO A 369 -15.06 18.69 15.58
CA PRO A 369 -15.53 19.78 14.74
C PRO A 369 -15.17 19.54 13.28
N LYS A 370 -16.07 19.98 12.40
CA LYS A 370 -15.91 19.89 10.95
C LYS A 370 -14.51 20.30 10.50
N GLY A 371 -13.99 19.59 9.48
CA GLY A 371 -12.75 19.93 8.83
C GLY A 371 -11.49 19.32 9.41
N VAL A 372 -11.57 18.72 10.60
CA VAL A 372 -10.42 18.03 11.16
C VAL A 372 -10.12 16.78 10.34
N VAL A 373 -8.85 16.41 10.25
CA VAL A 373 -8.46 15.13 9.69
C VAL A 373 -8.36 14.14 10.85
N VAL A 374 -9.15 13.08 10.80
CA VAL A 374 -9.06 11.96 11.73
C VAL A 374 -8.03 10.98 11.20
N MET A 375 -7.12 10.55 12.08
CA MET A 375 -6.01 9.70 11.68
CA MET A 375 -6.00 9.71 11.69
C MET A 375 -5.85 8.55 12.65
N ILE A 376 -5.68 7.34 12.11
CA ILE A 376 -5.41 6.10 12.83
C ILE A 376 -3.95 5.72 12.60
N PRO A 377 -3.11 5.74 13.62
CA PRO A 377 -1.65 5.52 13.45
C PRO A 377 -1.33 4.04 13.39
N SER A 378 -1.49 3.53 12.19
CA SER A 378 -1.43 2.10 12.00
C SER A 378 -0.11 1.54 12.48
N TYR A 379 0.99 2.08 11.99
CA TYR A 379 2.29 1.55 12.37
C TYR A 379 2.42 1.44 13.88
N ALA A 380 2.03 2.50 14.59
CA ALA A 380 2.27 2.54 16.02
C ALA A 380 1.33 1.62 16.77
N LEU A 381 0.12 1.42 16.24
CA LEU A 381 -0.78 0.44 16.83
C LEU A 381 -0.29 -0.96 16.57
N HIS A 382 0.33 -1.18 15.40
CA HIS A 382 0.87 -2.50 15.13
C HIS A 382 2.03 -2.86 16.07
N ARG A 383 2.68 -1.87 16.68
CA ARG A 383 3.77 -2.12 17.61
C ARG A 383 3.45 -1.63 19.01
N ASP A 384 2.17 -1.61 19.38
CA ASP A 384 1.76 -1.26 20.73
C ASP A 384 2.00 -2.44 21.66
N PRO A 385 2.80 -2.28 22.73
CA PRO A 385 2.95 -3.38 23.71
C PRO A 385 1.67 -3.72 24.47
N LYS A 386 0.68 -2.83 24.49
CA LYS A 386 -0.57 -3.10 25.20
C LYS A 386 -1.52 -4.02 24.44
N TYR A 387 -1.29 -4.26 23.13
CA TYR A 387 -2.05 -5.26 22.38
C TYR A 387 -1.18 -6.37 21.79
N TRP A 388 0.15 -6.25 21.84
CA TRP A 388 1.05 -7.26 21.31
C TRP A 388 2.18 -7.49 22.30
N THR A 389 2.43 -8.75 22.63
CA THR A 389 3.62 -9.09 23.38
C THR A 389 4.80 -9.09 22.43
N GLU A 390 5.95 -8.61 22.93
CA GLU A 390 7.19 -8.51 22.17
C GLU A 390 6.90 -7.95 20.77
N PRO A 391 6.38 -6.73 20.65
CA PRO A 391 5.89 -6.26 19.35
C PRO A 391 6.97 -6.15 18.30
N GLU A 392 8.24 -5.97 18.69
CA GLU A 392 9.28 -5.86 17.69
C GLU A 392 9.75 -7.20 17.13
N LYS A 393 9.51 -8.30 17.84
CA LYS A 393 9.93 -9.58 17.34
C LYS A 393 9.05 -10.00 16.18
N PHE A 394 9.64 -10.71 15.25
CA PHE A 394 8.93 -11.35 14.15
C PHE A 394 8.51 -12.71 14.67
N LEU A 395 7.24 -12.83 15.04
CA LEU A 395 6.67 -14.06 15.60
C LEU A 395 5.40 -14.43 14.84
N PRO A 396 5.51 -15.19 13.76
CA PRO A 396 4.32 -15.50 12.94
C PRO A 396 3.19 -16.19 13.68
N GLU A 397 3.48 -16.88 14.79
CA GLU A 397 2.44 -17.65 15.45
C GLU A 397 1.31 -16.77 15.97
N ARG A 398 1.58 -15.47 16.21
CA ARG A 398 0.51 -14.54 16.60
C ARG A 398 -0.72 -14.71 15.74
N PHE A 399 -0.55 -15.16 14.49
CA PHE A 399 -1.63 -15.26 13.53
C PHE A 399 -2.08 -16.68 13.31
N SER A 400 -1.59 -17.63 14.12
CA SER A 400 -2.03 -19.01 14.01
C SER A 400 -3.53 -19.10 14.21
N LYS A 401 -4.16 -20.07 13.55
CA LYS A 401 -5.59 -20.26 13.68
C LYS A 401 -6.05 -20.33 15.13
N LYS A 402 -5.13 -20.65 16.05
CA LYS A 402 -5.44 -20.59 17.48
C LYS A 402 -5.54 -19.15 17.98
N ASN A 403 -4.48 -18.35 17.78
CA ASN A 403 -4.41 -17.00 18.33
C ASN A 403 -5.10 -15.95 17.48
N LYS A 404 -5.29 -16.22 16.18
CA LYS A 404 -5.85 -15.25 15.22
C LYS A 404 -7.18 -14.63 15.68
N ASP A 405 -7.79 -15.14 16.76
CA ASP A 405 -9.05 -14.64 17.29
C ASP A 405 -8.88 -13.52 18.30
N ASN A 406 -7.72 -13.42 18.97
CA ASN A 406 -7.47 -12.39 19.96
C ASN A 406 -6.85 -11.13 19.34
N ILE A 407 -7.02 -10.95 18.03
CA ILE A 407 -6.45 -9.85 17.28
C ILE A 407 -7.58 -8.95 16.81
N ASP A 408 -7.59 -7.70 17.30
CA ASP A 408 -8.64 -6.74 17.01
C ASP A 408 -8.49 -6.19 15.59
N PRO A 409 -9.47 -6.45 14.72
CA PRO A 409 -9.40 -6.01 13.32
C PRO A 409 -9.35 -4.51 13.12
N TYR A 410 -9.51 -3.77 14.21
CA TYR A 410 -9.39 -2.32 14.23
C TYR A 410 -8.10 -1.84 14.86
N ILE A 411 -7.31 -2.77 15.40
CA ILE A 411 -5.93 -2.50 15.76
C ILE A 411 -4.96 -2.92 14.65
N TYR A 412 -5.21 -4.06 13.99
CA TYR A 412 -4.35 -4.58 12.92
C TYR A 412 -5.07 -4.33 11.61
N THR A 413 -4.65 -3.31 10.88
CA THR A 413 -5.39 -2.85 9.70
C THR A 413 -4.44 -2.55 8.54
N PRO A 414 -3.68 -3.56 8.10
CA PRO A 414 -2.70 -3.30 7.02
C PRO A 414 -3.34 -2.88 5.71
N PHE A 415 -4.65 -3.10 5.57
CA PHE A 415 -5.38 -2.66 4.39
C PHE A 415 -6.49 -1.70 4.77
N GLY A 416 -6.47 -1.18 5.99
CA GLY A 416 -7.56 -0.38 6.49
C GLY A 416 -8.78 -1.24 6.72
N SER A 417 -9.90 -0.56 6.89
CA SER A 417 -11.14 -1.28 7.16
C SER A 417 -12.31 -0.43 6.69
N GLY A 418 -13.41 -1.09 6.35
CA GLY A 418 -14.65 -0.42 6.04
C GLY A 418 -14.83 -0.14 4.56
N PRO A 419 -15.94 0.52 4.20
CA PRO A 419 -16.26 0.80 2.80
C PRO A 419 -15.12 1.35 1.96
N ARG A 420 -14.08 1.84 2.57
CA ARG A 420 -13.03 2.47 1.81
C ARG A 420 -11.69 1.87 2.08
N ASN A 421 -11.68 0.63 2.49
CA ASN A 421 -10.44 -0.10 2.65
C ASN A 421 -9.83 -0.37 1.27
N CYS A 422 -8.65 -1.02 1.25
CA CYS A 422 -8.01 -1.32 -0.02
C CYS A 422 -8.84 -2.28 -0.84
N ILE A 423 -9.28 -1.82 -2.01
CA ILE A 423 -10.05 -2.63 -2.94
C ILE A 423 -9.17 -3.71 -3.56
N GLY A 424 -7.86 -3.51 -3.53
CA GLY A 424 -6.89 -4.39 -4.14
C GLY A 424 -6.39 -5.47 -3.22
N MET A 425 -6.99 -5.61 -2.03
CA MET A 425 -6.44 -6.46 -0.98
C MET A 425 -6.29 -7.93 -1.43
N ARG A 426 -7.38 -8.55 -1.88
CA ARG A 426 -7.30 -9.96 -2.24
C ARG A 426 -6.30 -10.18 -3.38
N PHE A 427 -6.24 -9.26 -4.35
CA PHE A 427 -5.28 -9.40 -5.43
C PHE A 427 -3.85 -9.27 -4.92
N ALA A 428 -3.58 -8.17 -4.20
CA ALA A 428 -2.28 -7.96 -3.59
C ALA A 428 -1.83 -9.21 -2.84
N LEU A 429 -2.67 -9.71 -1.93
CA LEU A 429 -2.24 -10.82 -1.11
C LEU A 429 -1.95 -12.05 -1.98
N MET A 430 -2.81 -12.29 -2.98
CA MET A 430 -2.67 -13.42 -3.89
C MET A 430 -1.42 -13.28 -4.76
N ASN A 431 -1.18 -12.08 -5.27
CA ASN A 431 -0.02 -11.80 -6.09
C ASN A 431 1.27 -12.04 -5.32
N MET A 432 1.33 -11.54 -4.08
CA MET A 432 2.52 -11.75 -3.27
C MET A 432 2.70 -13.21 -2.91
N LYS A 433 1.63 -13.91 -2.52
CA LYS A 433 1.78 -15.32 -2.13
C LYS A 433 2.20 -16.18 -3.31
N LEU A 434 1.64 -15.93 -4.51
CA LEU A 434 2.06 -16.71 -5.66
C LEU A 434 3.56 -16.53 -5.89
N ALA A 435 4.06 -15.33 -5.62
CA ALA A 435 5.50 -15.09 -5.74
C ALA A 435 6.28 -15.94 -4.75
N LEU A 436 5.92 -15.86 -3.46
CA LEU A 436 6.69 -16.53 -2.43
C LEU A 436 6.68 -18.04 -2.61
N ILE A 437 5.55 -18.59 -3.04
CA ILE A 437 5.48 -20.04 -3.23
C ILE A 437 6.49 -20.49 -4.29
N ARG A 438 6.51 -19.82 -5.43
CA ARG A 438 7.38 -20.28 -6.51
C ARG A 438 8.85 -20.07 -6.16
N VAL A 439 9.17 -18.89 -5.61
CA VAL A 439 10.53 -18.56 -5.21
C VAL A 439 11.09 -19.57 -4.22
N LEU A 440 10.33 -19.89 -3.16
CA LEU A 440 10.84 -20.75 -2.11
C LEU A 440 10.85 -22.19 -2.52
N GLN A 441 9.94 -22.60 -3.42
CA GLN A 441 10.01 -23.93 -4.02
C GLN A 441 11.40 -24.22 -4.58
N ASN A 442 12.13 -23.16 -4.97
CA ASN A 442 13.38 -23.30 -5.72
C ASN A 442 14.61 -22.74 -5.04
N PHE A 443 14.47 -21.79 -4.11
CA PHE A 443 15.65 -21.16 -3.53
C PHE A 443 15.48 -21.01 -2.03
N SER A 444 16.61 -20.96 -1.35
CA SER A 444 16.68 -20.50 0.02
C SER A 444 17.37 -19.15 0.02
N PHE A 445 17.19 -18.41 1.10
CA PHE A 445 17.59 -17.00 1.16
C PHE A 445 18.37 -16.78 2.44
N LYS A 446 19.57 -16.25 2.32
CA LYS A 446 20.52 -16.24 3.41
C LYS A 446 21.18 -14.87 3.48
N PRO A 447 21.50 -14.43 4.70
CA PRO A 447 22.16 -13.13 4.84
C PRO A 447 23.55 -13.13 4.21
N CYS A 448 23.89 -12.00 3.61
CA CYS A 448 25.25 -11.67 3.28
C CYS A 448 25.85 -10.82 4.38
N LYS A 449 27.14 -10.56 4.26
CA LYS A 449 27.77 -9.58 5.14
C LYS A 449 27.27 -8.17 4.84
N GLU A 450 26.97 -7.84 3.57
CA GLU A 450 26.45 -6.53 3.20
C GLU A 450 24.98 -6.35 3.54
N THR A 451 24.31 -7.41 3.99
CA THR A 451 22.96 -7.30 4.52
C THR A 451 22.97 -6.39 5.74
N GLN A 452 21.97 -5.51 5.83
CA GLN A 452 21.78 -4.63 6.99
C GLN A 452 20.96 -5.37 8.04
N ILE A 453 21.63 -5.96 9.02
CA ILE A 453 21.00 -6.63 10.15
C ILE A 453 21.39 -5.85 11.39
N PRO A 454 20.45 -5.19 12.09
CA PRO A 454 19.02 -5.16 11.78
C PRO A 454 18.62 -4.08 10.79
N LEU A 455 17.67 -4.41 9.93
CA LEU A 455 17.15 -3.46 8.97
C LEU A 455 16.66 -2.22 9.69
N LYS A 456 17.16 -1.07 9.26
CA LYS A 456 16.71 0.21 9.78
C LYS A 456 15.68 0.77 8.81
N LEU A 457 14.63 1.37 9.36
CA LEU A 457 13.60 1.95 8.52
C LEU A 457 13.95 3.38 8.15
N SER A 458 13.50 3.76 6.97
CA SER A 458 13.73 5.09 6.45
C SER A 458 13.07 6.15 7.35
N LEU A 459 13.85 7.16 7.72
CA LEU A 459 13.40 8.37 8.40
C LEU A 459 12.60 9.28 7.50
N GLY A 460 12.38 8.81 6.27
CA GLY A 460 11.62 9.55 5.29
C GLY A 460 10.12 9.43 5.53
N GLY A 461 9.37 9.82 4.51
CA GLY A 461 7.94 9.80 4.53
C GLY A 461 7.37 8.51 4.00
N LEU A 462 8.24 7.53 3.74
CA LEU A 462 7.84 6.24 3.21
C LEU A 462 8.25 5.15 4.17
N LEU A 463 7.49 4.08 4.17
CA LEU A 463 7.90 2.86 4.85
C LEU A 463 8.75 2.06 3.87
N GLN A 464 10.05 2.05 4.10
CA GLN A 464 11.00 1.36 3.24
C GLN A 464 12.32 1.29 3.98
N PRO A 465 13.16 0.33 3.64
CA PRO A 465 14.39 0.15 4.40
C PRO A 465 15.34 1.33 4.20
N GLU A 466 16.11 1.63 5.25
CA GLU A 466 17.15 2.66 5.15
C GLU A 466 18.08 2.35 3.98
N LYS A 467 18.82 1.24 4.07
CA LYS A 467 19.62 0.54 3.07
C LYS A 467 18.79 -0.56 2.41
N PRO A 468 18.84 -0.70 1.10
CA PRO A 468 18.01 -1.73 0.44
C PRO A 468 18.48 -3.12 0.81
N VAL A 469 17.54 -4.07 0.81
CA VAL A 469 17.80 -5.41 1.31
C VAL A 469 18.62 -6.18 0.27
N VAL A 470 19.79 -6.70 0.67
CA VAL A 470 20.62 -7.56 -0.18
C VAL A 470 20.81 -8.89 0.54
N LEU A 471 20.61 -9.99 -0.21
CA LEU A 471 20.65 -11.34 0.38
C LEU A 471 21.43 -12.29 -0.52
N LYS A 472 21.76 -13.44 0.08
CA LYS A 472 22.34 -14.56 -0.64
C LYS A 472 21.22 -15.52 -1.03
N VAL A 473 21.17 -15.88 -2.31
CA VAL A 473 20.18 -16.80 -2.84
C VAL A 473 20.92 -18.06 -3.25
N GLU A 474 20.42 -19.22 -2.80
CA GLU A 474 21.02 -20.51 -3.14
C GLU A 474 19.94 -21.43 -3.70
N SER A 475 20.33 -22.22 -4.70
CA SER A 475 19.38 -23.14 -5.35
C SER A 475 19.22 -24.41 -4.52
N ARG A 476 17.97 -24.78 -4.25
CA ARG A 476 17.70 -26.09 -3.66
C ARG A 476 18.17 -27.23 -4.58
N ASP A 477 18.66 -26.89 -5.80
CA ASP A 477 19.52 -27.75 -6.61
C ASP A 477 20.96 -27.26 -6.50
CHA HEM B . -6.22 1.75 -0.45
CHB HEM B . -2.79 -0.97 1.64
CHC HEM B . -2.12 -2.93 -2.76
CHD HEM B . -5.71 -0.34 -4.74
C1A HEM B . -5.36 1.20 0.46
C2A HEM B . -5.34 1.59 1.84
C3A HEM B . -4.40 0.83 2.44
C4A HEM B . -3.79 -0.05 1.46
CMA HEM B . -4.06 0.92 3.93
CAA HEM B . -6.28 2.64 2.48
CBA HEM B . -7.50 1.85 3.02
CGA HEM B . -8.23 2.66 4.06
O1A HEM B . -8.71 2.09 5.09
O2A HEM B . -8.28 3.91 3.90
C1B HEM B . -2.32 -1.78 0.61
C2B HEM B . -1.30 -2.82 0.70
C3B HEM B . -1.13 -3.34 -0.51
C4B HEM B . -2.03 -2.65 -1.42
CMB HEM B . -0.59 -3.23 2.01
CAB HEM B . -0.18 -4.47 -0.98
CBB HEM B . 0.64 -5.20 -0.23
C1C HEM B . -3.07 -2.45 -3.62
C2C HEM B . -3.31 -2.99 -4.96
C3C HEM B . -4.29 -2.31 -5.52
C4C HEM B . -4.72 -1.29 -4.57
CMC HEM B . -2.59 -4.17 -5.65
CAC HEM B . -4.75 -2.68 -6.94
CBC HEM B . -5.81 -2.15 -7.53
C1D HEM B . -6.16 0.48 -3.75
C2D HEM B . -7.19 1.49 -3.86
C3D HEM B . -7.34 2.09 -2.64
C4D HEM B . -6.39 1.43 -1.75
CMD HEM B . -7.95 1.82 -5.17
CAD HEM B . -8.31 3.23 -2.24
CBD HEM B . -9.74 2.66 -2.19
CGD HEM B . -10.78 3.73 -1.93
O1D HEM B . -11.98 3.57 -2.30
O2D HEM B . -10.39 4.77 -1.37
NA HEM B . -4.42 0.23 0.24
NB HEM B . -2.73 -1.71 -0.69
NC HEM B . -3.95 -1.41 -3.44
ND HEM B . -5.72 0.47 -2.43
FE HEM B . -4.21 -0.60 -1.51
C01 DEJ C . -0.23 6.46 -2.26
C01 DEJ C . -2.71 10.74 -2.20
C02 DEJ C . -0.33 8.01 -2.37
C02 DEJ C . -3.18 9.97 -3.46
C03 DEJ C . -0.21 8.57 -0.96
C03 DEJ C . -4.69 9.87 -3.48
C05 DEJ C . -2.87 7.70 -2.55
C05 DEJ C . -2.86 7.58 -2.56
C06 DEJ C . -4.04 8.54 -1.99
C06 DEJ C . -3.84 7.88 -1.31
C08 DEJ C . -4.51 5.63 -0.78
C08 DEJ C . -4.05 4.96 -0.67
C09 DEJ C . -3.41 5.32 0.30
C09 DEJ C . -3.03 4.86 0.48
C10 DEJ C . -2.61 6.61 0.70
C10 DEJ C . -2.16 6.17 0.79
C11 DEJ C . -2.36 6.91 2.13
C11 DEJ C . -2.08 6.67 2.17
C12 DEJ C . -2.56 5.96 3.16
C12 DEJ C . -2.38 5.84 3.26
C14 DEJ C . -1.84 7.90 4.19
C14 DEJ C . -1.85 7.87 4.18
C15 DEJ C . -1.90 8.14 2.80
C15 DEJ C . -1.73 7.99 2.77
C16 DEJ C . -1.53 9.46 2.40
C16 DEJ C . -1.34 9.29 2.32
C17 DEJ C . -1.13 10.43 3.33
C17 DEJ C . -1.09 10.34 3.20
C18 DEJ C . -1.09 10.13 4.71
C18 DEJ C . -1.22 10.16 4.61
C19 DEJ C . -1.44 8.86 5.14
C19 DEJ C . -1.60 8.92 5.11
C21 DEJ C . -1.28 3.83 0.49
C21 DEJ C . -0.94 3.50 0.68
C24 DEJ C . 1.30 3.63 0.30
C24 DEJ C . 1.57 3.55 0.32
C25 DEJ C . 2.36 4.03 -0.75
C25 DEJ C . 2.52 4.05 -0.76
C26 DEJ C . 1.48 2.11 0.55
C26 DEJ C . 1.95 2.08 0.57
C27 DEJ C . 1.53 4.45 1.57
C27 DEJ C . 1.78 4.39 1.59
C28 DEJ C . -3.34 6.70 -3.65
C28 DEJ C . -3.33 6.40 -3.45
C31 DEJ C . -2.98 4.21 -4.41
C31 DEJ C . -2.72 4.15 -4.48
C32 DEJ C . -2.49 3.09 -3.53
C32 DEJ C . -2.33 3.06 -3.56
C33 DEJ C . -1.21 3.04 -3.04
C33 DEJ C . -1.06 2.93 -3.07
C34 DEJ C . -0.75 2.05 -2.21
C34 DEJ C . -0.68 1.95 -2.19
C35 DEJ C . -1.65 1.08 -1.80
C35 DEJ C . -1.65 1.06 -1.75
C37 DEJ C . -3.31 2.10 -3.06
C37 DEJ C . -3.23 2.16 -3.05
N04 DEJ C . -1.66 8.49 -3.05
N04 DEJ C . -2.55 8.68 -3.61
N13 DEJ C . -2.25 6.56 4.41
N13 DEJ C . -2.25 6.55 4.47
N20 DEJ C . -2.52 4.24 -0.16
N20 DEJ C . -2.19 3.73 0.15
N30 DEJ C . -2.83 5.42 -3.64
N30 DEJ C . -2.50 5.35 -3.74
N36 DEJ C . -2.89 1.10 -2.25
N36 DEJ C . -2.91 1.18 -2.20
O22 DEJ C . -1.35 2.76 1.13
O22 DEJ C . -0.88 2.50 1.42
O23 DEJ C . -0.04 4.02 -0.19
O23 DEJ C . 0.19 3.73 -0.10
O29 DEJ C . -4.21 7.09 -4.47
O29 DEJ C . -4.50 6.44 -3.89
S07 DEJ C . -5.05 7.47 -0.85
S07 DEJ C . -4.97 6.44 -0.79
#